data_2IO2
#
_entry.id   2IO2
#
_cell.length_a   163.960
_cell.length_b   163.960
_cell.length_c   77.770
_cell.angle_alpha   90.00
_cell.angle_beta   90.00
_cell.angle_gamma   120.00
#
_symmetry.space_group_name_H-M   'P 64 2 2'
#
loop_
_entity.id
_entity.type
_entity.pdbx_description
1 polymer 'Sentrin-specific protease 2'
2 polymer 'Small ubiquitin-related modifier 1'
3 polymer 'Ran GTPase-activating protein 1'
4 water water
#
loop_
_entity_poly.entity_id
_entity_poly.type
_entity_poly.pdbx_seq_one_letter_code
_entity_poly.pdbx_strand_id
1 'polypeptide(L)'
;GSHMASDLLELTEDMEKEISNALGHGPQDEILSSAFKLRITRGDIQTLKNYHWLNDEVINFYMNLLVERNKKQGYPALHV
FSTFFYPKLKSGGYQAVKRWTKGVNLFEQEIILVPIHRKVHWSLVVIDLRKKCLKYLDSMGQKGHRICEILLQYLQDESK
TKRNSDLNLLEWTHHSMKPHEIPQQLNGSDSGMFTCKYADYISRDKPITFTQHQMPLFRKKMVWEILHQQLL
;
A
2 'polypeptide(L)'
;MGEGEYIKLKVIGQDSSEIHFKVKMTTHLKKLKESYCQRQGVPMNSLRFLFEGQRIADNHTPKELGMEEEDVIEVYQEQT
GG
;
B
3 'polypeptide(L)'
;SLNTGEPAPVLSSPPPADVSTFLAFPSPEKLLRLGPKSSVLIAQQTDTSDPEKVVSAFLKVSSVFKDEATVRMAVQDAVD
ALMQKAFNSSSFNSNTFLTRLLVHMGLLKSEDKVKAIANLYGPLMALNHMVQQDYFPKALAPLLLAFVTKPNSALESSSF
ARHSLLQTLYKV
;
C
#
# COMPACT_ATOMS: atom_id res chain seq x y z
N LEU A 8 -13.99 16.60 22.56
CA LEU A 8 -13.92 15.98 21.20
C LEU A 8 -14.98 16.48 20.23
N LEU A 9 -15.21 15.68 19.18
CA LEU A 9 -16.17 16.02 18.15
C LEU A 9 -17.37 15.05 18.14
N GLU A 10 -18.44 15.47 17.47
CA GLU A 10 -19.67 14.69 17.35
C GLU A 10 -20.18 14.94 15.93
N LEU A 11 -20.96 14.01 15.38
CA LEU A 11 -21.45 14.14 14.01
C LEU A 11 -22.69 15.00 13.75
N THR A 12 -22.74 15.63 12.57
CA THR A 12 -23.84 16.49 12.15
C THR A 12 -24.93 15.69 11.46
N GLU A 13 -25.98 15.34 12.20
CA GLU A 13 -27.09 14.54 11.69
C GLU A 13 -27.44 14.78 10.22
N ASP A 14 -27.43 16.04 9.77
CA ASP A 14 -27.76 16.35 8.37
C ASP A 14 -26.62 16.11 7.40
N MET A 15 -25.39 16.29 7.88
CA MET A 15 -24.24 16.09 7.04
C MET A 15 -23.81 14.63 7.06
N GLU A 16 -24.42 13.87 7.95
CA GLU A 16 -24.14 12.44 8.02
C GLU A 16 -24.88 11.85 6.84
N LYS A 17 -26.15 12.20 6.71
CA LYS A 17 -26.96 11.71 5.60
C LYS A 17 -26.43 12.21 4.26
N GLU A 18 -25.66 13.29 4.29
CA GLU A 18 -25.11 13.84 3.05
C GLU A 18 -23.93 13.00 2.59
N ILE A 19 -23.40 12.21 3.51
CA ILE A 19 -22.28 11.34 3.20
C ILE A 19 -22.81 10.12 2.49
N SER A 20 -23.91 9.59 2.99
CA SER A 20 -24.52 8.40 2.41
C SER A 20 -24.98 8.62 0.98
N ASN A 21 -24.90 9.86 0.49
CA ASN A 21 -25.30 10.16 -0.88
C ASN A 21 -24.06 10.07 -1.73
N ALA A 22 -22.92 10.13 -1.06
CA ALA A 22 -21.63 10.05 -1.73
C ALA A 22 -21.17 8.59 -1.69
N LEU A 23 -21.58 7.88 -0.65
CA LEU A 23 -21.21 6.49 -0.48
C LEU A 23 -22.33 5.51 -0.85
N GLY A 24 -23.55 6.03 -0.96
CA GLY A 24 -24.69 5.17 -1.30
C GLY A 24 -24.73 4.77 -2.76
N HIS A 25 -25.88 4.27 -3.21
CA HIS A 25 -26.02 3.85 -4.59
C HIS A 25 -26.02 5.08 -5.50
N GLY A 26 -25.87 4.84 -6.80
CA GLY A 26 -25.84 5.92 -7.75
C GLY A 26 -24.75 5.63 -8.76
N PRO A 27 -24.43 6.57 -9.66
CA PRO A 27 -23.39 6.36 -10.66
C PRO A 27 -22.01 6.16 -10.03
N GLN A 28 -21.15 5.39 -10.71
CA GLN A 28 -19.81 5.11 -10.22
C GLN A 28 -18.79 6.01 -10.91
N ASP A 29 -19.25 7.14 -11.41
CA ASP A 29 -18.39 8.07 -12.11
C ASP A 29 -18.78 9.53 -11.78
N GLU A 30 -19.98 9.71 -11.24
CA GLU A 30 -20.50 11.04 -10.89
C GLU A 30 -19.55 11.81 -9.97
N ILE A 31 -18.57 12.50 -10.57
CA ILE A 31 -17.60 13.28 -9.79
C ILE A 31 -18.25 14.00 -8.61
N LEU A 32 -17.67 13.82 -7.41
CA LEU A 32 -18.20 14.43 -6.20
C LEU A 32 -17.32 15.53 -5.59
N SER A 33 -16.17 15.77 -6.21
CA SER A 33 -15.24 16.80 -5.77
C SER A 33 -14.10 16.92 -6.75
N SER A 34 -13.59 18.13 -6.92
CA SER A 34 -12.47 18.38 -7.83
C SER A 34 -11.48 19.32 -7.18
N ALA A 35 -10.23 19.24 -7.63
CA ALA A 35 -9.13 20.08 -7.13
C ALA A 35 -7.81 19.35 -7.28
N PHE A 36 -6.73 20.13 -7.29
CA PHE A 36 -5.37 19.63 -7.41
C PHE A 36 -5.16 18.83 -8.68
N LYS A 37 -6.16 18.85 -9.55
CA LYS A 37 -6.09 18.10 -10.81
C LYS A 37 -6.48 16.65 -10.59
N LEU A 38 -7.19 16.40 -9.49
CA LEU A 38 -7.65 15.05 -9.17
C LEU A 38 -9.17 15.09 -9.07
N ARG A 39 -9.84 14.22 -9.82
CA ARG A 39 -11.30 14.15 -9.78
C ARG A 39 -11.77 12.93 -9.01
N ILE A 40 -12.27 13.17 -7.80
CA ILE A 40 -12.74 12.10 -6.93
C ILE A 40 -14.17 11.71 -7.24
N THR A 41 -14.30 10.55 -7.87
CA THR A 41 -15.59 10.03 -8.27
C THR A 41 -16.24 9.15 -7.21
N ARG A 42 -17.44 8.68 -7.53
CA ARG A 42 -18.17 7.81 -6.63
C ARG A 42 -17.28 6.61 -6.37
N GLY A 43 -16.93 5.89 -7.43
CA GLY A 43 -16.08 4.72 -7.29
C GLY A 43 -14.94 5.00 -6.34
N ASP A 44 -14.23 6.11 -6.58
CA ASP A 44 -13.10 6.50 -5.74
C ASP A 44 -13.49 6.69 -4.28
N ILE A 45 -14.27 7.72 -3.99
CA ILE A 45 -14.69 7.99 -2.63
C ILE A 45 -15.35 6.78 -1.93
N GLN A 46 -15.83 5.82 -2.72
CA GLN A 46 -16.49 4.61 -2.20
C GLN A 46 -15.53 3.75 -1.39
N THR A 47 -14.25 3.82 -1.75
CA THR A 47 -13.18 3.07 -1.11
C THR A 47 -13.03 3.42 0.35
N LEU A 48 -13.87 4.33 0.84
CA LEU A 48 -13.79 4.72 2.23
C LEU A 48 -14.77 3.94 3.06
N LYS A 49 -15.59 3.13 2.41
CA LYS A 49 -16.57 2.35 3.15
C LYS A 49 -15.91 1.45 4.18
N ASN A 50 -16.71 1.02 5.16
CA ASN A 50 -16.19 0.16 6.20
C ASN A 50 -15.47 -1.01 5.56
N TYR A 51 -14.28 -1.29 6.07
CA TYR A 51 -13.47 -2.41 5.62
C TYR A 51 -12.92 -2.40 4.18
N HIS A 52 -13.30 -1.42 3.36
CA HIS A 52 -12.77 -1.36 2.00
C HIS A 52 -11.36 -0.81 2.02
N TRP A 53 -10.62 -1.03 0.94
CA TRP A 53 -9.24 -0.54 0.83
C TRP A 53 -9.13 0.76 0.06
N LEU A 54 -8.64 1.81 0.71
CA LEU A 54 -8.48 3.11 0.05
C LEU A 54 -7.65 2.97 -1.22
N ASN A 55 -8.13 3.55 -2.32
CA ASN A 55 -7.44 3.53 -3.59
C ASN A 55 -6.32 4.57 -3.58
N ASP A 56 -5.90 5.06 -4.74
CA ASP A 56 -4.82 6.03 -4.76
C ASP A 56 -5.25 7.49 -4.80
N GLU A 57 -6.46 7.76 -5.25
CA GLU A 57 -6.95 9.14 -5.32
C GLU A 57 -7.49 9.59 -3.96
N VAL A 58 -8.18 8.70 -3.26
CA VAL A 58 -8.70 9.07 -1.96
C VAL A 58 -7.52 9.54 -1.12
N ILE A 59 -6.32 9.18 -1.58
CA ILE A 59 -5.11 9.57 -0.85
C ILE A 59 -4.37 10.74 -1.49
N ASN A 60 -4.10 10.68 -2.79
CA ASN A 60 -3.41 11.78 -3.47
C ASN A 60 -4.16 13.08 -3.19
N PHE A 61 -5.39 12.94 -2.69
CA PHE A 61 -6.22 14.09 -2.40
C PHE A 61 -6.10 14.49 -0.93
N TYR A 62 -6.60 13.65 -0.03
CA TYR A 62 -6.52 13.98 1.37
C TYR A 62 -5.11 14.43 1.70
N MET A 63 -4.14 13.81 1.04
CA MET A 63 -2.76 14.17 1.29
C MET A 63 -2.48 15.57 0.78
N ASN A 64 -3.36 16.08 -0.09
CA ASN A 64 -3.19 17.42 -0.63
C ASN A 64 -3.98 18.45 0.18
N LEU A 65 -5.08 18.01 0.77
CA LEU A 65 -5.86 18.91 1.60
C LEU A 65 -4.98 19.21 2.81
N LEU A 66 -4.12 18.26 3.15
CA LEU A 66 -3.23 18.46 4.29
C LEU A 66 -2.28 19.61 4.03
N VAL A 67 -1.89 19.81 2.77
CA VAL A 67 -0.98 20.92 2.46
C VAL A 67 -1.72 22.23 2.64
N GLU A 68 -2.89 22.32 2.03
CA GLU A 68 -3.70 23.53 2.08
C GLU A 68 -4.13 23.86 3.51
N ARG A 69 -4.48 22.85 4.29
CA ARG A 69 -4.88 23.09 5.67
C ARG A 69 -3.66 23.61 6.43
N ASN A 70 -2.47 23.36 5.91
CA ASN A 70 -1.26 23.82 6.58
C ASN A 70 -0.68 25.06 5.97
N LYS A 71 -1.56 25.82 5.33
CA LYS A 71 -1.22 27.07 4.70
C LYS A 71 -2.41 27.98 4.94
N LYS A 72 -3.46 27.43 5.52
CA LYS A 72 -4.67 28.20 5.82
C LYS A 72 -4.93 28.19 7.32
N GLN A 73 -4.00 27.56 8.04
CA GLN A 73 -4.06 27.49 9.49
C GLN A 73 -2.61 27.65 9.93
N GLY A 74 -1.79 27.97 8.94
CA GLY A 74 -0.37 28.22 9.16
C GLY A 74 0.44 27.19 9.93
N TYR A 75 0.87 26.15 9.23
CA TYR A 75 1.71 25.14 9.83
C TYR A 75 2.98 25.10 9.02
N PRO A 76 3.92 24.22 9.38
CA PRO A 76 5.19 24.09 8.66
C PRO A 76 5.06 23.94 7.14
N ALA A 77 6.02 24.50 6.42
CA ALA A 77 6.04 24.41 4.97
C ALA A 77 5.89 22.91 4.72
N LEU A 78 4.83 22.53 4.00
CA LEU A 78 4.56 21.12 3.76
C LEU A 78 4.61 20.67 2.31
N HIS A 79 5.61 19.85 1.95
CA HIS A 79 5.69 19.36 0.58
C HIS A 79 5.28 17.91 0.40
N VAL A 80 4.11 17.75 -0.22
CA VAL A 80 3.52 16.45 -0.49
C VAL A 80 3.98 15.85 -1.83
N PHE A 81 4.20 14.54 -1.81
CA PHE A 81 4.61 13.81 -3.01
C PHE A 81 3.49 12.82 -3.37
N SER A 82 3.39 12.45 -4.64
CA SER A 82 2.33 11.53 -5.07
C SER A 82 2.61 10.04 -4.89
N THR A 83 1.53 9.28 -4.74
CA THR A 83 1.60 7.83 -4.55
C THR A 83 2.40 7.15 -5.65
N PHE A 84 2.28 7.70 -6.85
CA PHE A 84 2.99 7.17 -8.00
C PHE A 84 4.38 7.78 -8.05
N PHE A 85 4.93 8.15 -6.90
CA PHE A 85 6.26 8.74 -6.89
C PHE A 85 7.34 7.75 -6.51
N TYR A 86 7.28 7.28 -5.27
CA TYR A 86 8.29 6.36 -4.80
C TYR A 86 8.49 5.22 -5.77
N PRO A 87 7.40 4.52 -6.14
CA PRO A 87 7.57 3.41 -7.09
C PRO A 87 8.47 3.83 -8.25
N LYS A 88 8.03 4.84 -9.01
CA LYS A 88 8.81 5.32 -10.13
C LYS A 88 10.27 5.49 -9.74
N LEU A 89 10.51 6.14 -8.60
CA LEU A 89 11.87 6.35 -8.12
C LEU A 89 12.58 5.03 -7.78
N LYS A 90 11.86 4.11 -7.15
CA LYS A 90 12.43 2.82 -6.76
C LYS A 90 13.08 2.13 -7.93
N SER A 91 12.61 2.42 -9.14
CA SER A 91 13.15 1.80 -10.33
C SER A 91 13.78 2.77 -11.33
N GLY A 92 13.39 4.04 -11.24
CA GLY A 92 13.91 5.02 -12.18
C GLY A 92 14.97 6.00 -11.70
N GLY A 93 15.72 5.64 -10.65
CA GLY A 93 16.75 6.53 -10.15
C GLY A 93 16.28 7.97 -10.07
N TYR A 94 17.22 8.90 -10.07
CA TYR A 94 16.86 10.31 -10.00
C TYR A 94 16.64 10.84 -11.41
N GLN A 95 17.52 10.46 -12.32
CA GLN A 95 17.46 10.87 -13.72
C GLN A 95 16.02 10.81 -14.22
N ALA A 96 15.33 9.71 -13.92
CA ALA A 96 13.96 9.50 -14.34
C ALA A 96 12.95 10.18 -13.43
N VAL A 97 13.42 11.07 -12.58
CA VAL A 97 12.55 11.79 -11.66
C VAL A 97 12.91 13.28 -11.63
N LYS A 98 13.99 13.64 -12.32
CA LYS A 98 14.46 15.03 -12.38
C LYS A 98 13.31 16.02 -12.53
N ARG A 99 12.80 16.13 -13.75
CA ARG A 99 11.70 17.05 -14.06
C ARG A 99 10.49 16.91 -13.14
N TRP A 100 10.54 16.02 -12.15
CA TRP A 100 9.41 15.84 -11.25
C TRP A 100 9.24 17.01 -10.29
N THR A 101 10.35 17.46 -9.71
CA THR A 101 10.31 18.60 -8.78
C THR A 101 10.45 19.87 -9.62
N LYS A 102 9.34 20.25 -10.24
CA LYS A 102 9.25 21.42 -11.10
C LYS A 102 8.62 22.62 -10.41
N GLY A 103 9.34 23.74 -10.43
CA GLY A 103 8.82 24.95 -9.82
C GLY A 103 8.96 24.98 -8.32
N VAL A 104 10.02 24.37 -7.80
CA VAL A 104 10.21 24.35 -6.35
C VAL A 104 11.51 23.76 -5.83
N ASN A 105 12.05 24.42 -4.80
CA ASN A 105 13.27 24.01 -4.11
C ASN A 105 12.74 23.17 -2.95
N LEU A 106 13.02 21.88 -2.98
CA LEU A 106 12.54 20.97 -1.95
C LEU A 106 13.07 21.33 -0.56
N PHE A 107 14.35 21.66 -0.50
CA PHE A 107 14.98 22.00 0.78
C PHE A 107 14.50 23.31 1.37
N GLU A 108 13.63 23.99 0.64
CA GLU A 108 13.05 25.24 1.13
C GLU A 108 12.03 24.85 2.18
N GLN A 109 11.39 23.71 1.95
CA GLN A 109 10.34 23.20 2.83
C GLN A 109 10.83 22.73 4.20
N GLU A 110 9.89 22.62 5.12
CA GLU A 110 10.19 22.18 6.47
C GLU A 110 9.94 20.67 6.50
N ILE A 111 8.70 20.25 6.21
CA ILE A 111 8.35 18.84 6.21
C ILE A 111 7.87 18.31 4.86
N ILE A 112 8.26 17.09 4.55
CA ILE A 112 7.87 16.44 3.30
C ILE A 112 7.17 15.13 3.58
N LEU A 113 5.95 14.99 3.10
CA LEU A 113 5.18 13.78 3.27
C LEU A 113 5.29 12.95 2.01
N VAL A 114 5.65 11.67 2.18
CA VAL A 114 5.81 10.74 1.06
C VAL A 114 4.98 9.48 1.30
N PRO A 115 3.87 9.31 0.54
CA PRO A 115 3.03 8.12 0.73
C PRO A 115 3.81 6.93 0.18
N ILE A 116 3.44 5.75 0.59
CA ILE A 116 4.15 4.57 0.14
C ILE A 116 3.25 3.37 -0.18
N HIS A 117 3.48 2.80 -1.36
CA HIS A 117 2.73 1.63 -1.83
C HIS A 117 3.62 0.39 -1.98
N ARG A 118 3.47 -0.56 -1.05
CA ARG A 118 4.20 -1.83 -1.12
C ARG A 118 2.95 -2.59 -1.70
N LYS A 119 3.01 -3.65 -2.54
CA LYS A 119 1.73 -4.06 -3.18
C LYS A 119 0.36 -3.89 -2.53
N VAL A 120 0.11 -4.43 -1.36
CA VAL A 120 -1.24 -4.33 -0.79
C VAL A 120 -1.23 -3.48 0.46
N HIS A 121 -0.20 -2.67 0.55
CA HIS A 121 -0.02 -1.90 1.76
C HIS A 121 0.28 -0.42 1.61
N TRP A 122 -0.20 0.34 2.60
CA TRP A 122 0.00 1.77 2.65
C TRP A 122 0.92 2.14 3.82
N SER A 123 2.09 2.68 3.48
CA SER A 123 3.07 3.12 4.46
C SER A 123 3.24 4.62 4.27
N LEU A 124 3.98 5.25 5.17
CA LEU A 124 4.20 6.68 5.08
C LEU A 124 5.56 7.10 5.59
N VAL A 125 6.29 7.79 4.74
CA VAL A 125 7.59 8.27 5.15
C VAL A 125 7.46 9.76 5.35
N VAL A 126 7.89 10.20 6.52
CA VAL A 126 7.87 11.61 6.88
C VAL A 126 9.31 12.09 6.86
N ILE A 127 9.61 13.01 5.95
CA ILE A 127 10.97 13.56 5.85
C ILE A 127 10.94 14.95 6.46
N ASP A 128 11.19 15.03 7.76
CA ASP A 128 11.20 16.31 8.44
C ASP A 128 12.50 17.03 8.09
N LEU A 129 12.43 17.87 7.06
CA LEU A 129 13.59 18.61 6.57
C LEU A 129 14.26 19.44 7.66
N ARG A 130 13.48 20.01 8.56
CA ARG A 130 14.00 20.83 9.65
C ARG A 130 15.04 20.06 10.48
N LYS A 131 14.58 19.12 11.29
CA LYS A 131 15.47 18.33 12.16
C LYS A 131 16.52 17.52 11.38
N LYS A 132 16.49 17.62 10.06
CA LYS A 132 17.43 16.94 9.17
C LYS A 132 17.43 15.41 9.25
N CYS A 133 16.24 14.82 9.09
CA CYS A 133 16.09 13.38 9.14
C CYS A 133 14.67 12.99 8.73
N LEU A 134 14.49 11.72 8.38
CA LEU A 134 13.19 11.21 7.96
C LEU A 134 12.74 9.99 8.77
N LYS A 135 11.44 9.88 9.00
CA LYS A 135 10.87 8.77 9.75
C LYS A 135 9.91 7.92 8.92
N TYR A 136 10.07 6.60 9.01
CA TYR A 136 9.19 5.67 8.29
C TYR A 136 8.13 5.13 9.24
N LEU A 137 6.89 5.53 9.03
CA LEU A 137 5.79 5.09 9.88
C LEU A 137 4.91 4.05 9.21
N ASP A 138 4.83 2.86 9.79
CA ASP A 138 4.03 1.78 9.23
C ASP A 138 3.03 1.25 10.26
N SER A 139 1.74 1.22 9.91
CA SER A 139 0.73 0.75 10.85
C SER A 139 0.55 -0.75 10.86
N MET A 140 1.43 -1.47 10.20
CA MET A 140 1.31 -2.92 10.13
C MET A 140 2.50 -3.59 10.83
N GLY A 141 3.40 -2.78 11.39
CA GLY A 141 4.56 -3.34 12.07
C GLY A 141 5.72 -3.50 11.12
N GLN A 142 5.42 -3.91 9.89
CA GLN A 142 6.42 -4.12 8.85
C GLN A 142 7.49 -3.02 8.91
N LYS A 143 8.75 -3.42 8.75
CA LYS A 143 9.85 -2.46 8.80
C LYS A 143 10.20 -1.91 7.41
N GLY A 144 11.03 -0.88 7.38
CA GLY A 144 11.41 -0.30 6.09
C GLY A 144 12.69 0.52 6.09
N HIS A 145 13.84 -0.15 6.15
CA HIS A 145 15.12 0.55 6.16
C HIS A 145 15.60 0.90 4.77
N ARG A 146 15.54 -0.08 3.86
CA ARG A 146 15.98 0.16 2.50
C ARG A 146 15.12 1.24 1.86
N ILE A 147 13.93 1.49 2.39
CA ILE A 147 13.06 2.52 1.81
C ILE A 147 13.66 3.91 2.03
N CYS A 148 13.97 4.22 3.29
CA CYS A 148 14.56 5.51 3.65
C CYS A 148 15.91 5.65 2.96
N GLU A 149 16.76 4.66 3.17
CA GLU A 149 18.07 4.62 2.57
C GLU A 149 17.99 5.06 1.10
N ILE A 150 16.97 4.58 0.39
CA ILE A 150 16.77 4.93 -1.03
C ILE A 150 16.29 6.36 -1.24
N LEU A 151 15.25 6.73 -0.50
CA LEU A 151 14.67 8.05 -0.56
C LEU A 151 15.70 9.11 -0.31
N LEU A 152 16.50 8.90 0.72
CA LEU A 152 17.55 9.82 1.10
C LEU A 152 18.37 10.06 -0.16
N GLN A 153 18.79 8.96 -0.78
CA GLN A 153 19.58 8.97 -2.00
C GLN A 153 18.91 9.77 -3.12
N TYR A 154 17.65 10.15 -2.93
CA TYR A 154 16.94 10.94 -3.93
C TYR A 154 17.30 12.39 -3.66
N LEU A 155 17.24 12.75 -2.39
CA LEU A 155 17.56 14.10 -1.91
C LEU A 155 18.97 14.46 -2.34
N GLN A 156 19.93 13.73 -1.79
CA GLN A 156 21.35 13.92 -2.08
C GLN A 156 21.58 14.31 -3.52
N ASP A 157 20.85 13.67 -4.43
CA ASP A 157 20.97 13.96 -5.86
C ASP A 157 20.01 15.07 -6.25
N GLU A 158 18.91 15.21 -5.51
CA GLU A 158 17.93 16.25 -5.78
C GLU A 158 18.61 17.55 -5.42
N SER A 159 19.80 17.43 -4.84
CA SER A 159 20.59 18.57 -4.43
C SER A 159 21.85 18.68 -5.27
N LYS A 160 22.83 17.82 -4.99
CA LYS A 160 24.09 17.86 -5.73
C LYS A 160 23.94 17.75 -7.25
N THR A 161 22.70 17.79 -7.74
CA THR A 161 22.47 17.72 -9.18
C THR A 161 21.54 18.85 -9.61
N LYS A 162 20.68 19.28 -8.69
CA LYS A 162 19.74 20.35 -8.98
C LYS A 162 20.16 21.65 -8.31
N ARG A 163 21.42 21.72 -7.90
CA ARG A 163 21.98 22.91 -7.25
C ARG A 163 23.49 22.78 -6.99
N ASN A 164 24.08 21.75 -7.60
CA ASN A 164 25.51 21.44 -7.51
C ASN A 164 26.06 21.36 -6.09
N SER A 165 25.32 21.90 -5.13
CA SER A 165 25.74 21.86 -3.73
C SER A 165 25.45 20.46 -3.21
N ASP A 166 26.49 19.72 -2.86
CA ASP A 166 26.36 18.36 -2.36
C ASP A 166 25.47 18.29 -1.13
N LEU A 167 25.60 17.19 -0.38
CA LEU A 167 24.82 16.98 0.82
C LEU A 167 25.61 16.06 1.75
N ASN A 168 25.87 16.52 2.97
CA ASN A 168 26.60 15.66 3.91
C ASN A 168 25.57 14.73 4.51
N LEU A 169 25.80 13.44 4.37
CA LEU A 169 24.90 12.41 4.88
C LEU A 169 25.01 12.24 6.38
N LEU A 170 26.09 12.74 6.96
CA LEU A 170 26.26 12.63 8.40
C LEU A 170 25.14 13.39 9.11
N GLU A 171 24.93 14.65 8.76
CA GLU A 171 23.88 15.45 9.39
C GLU A 171 22.48 14.88 9.14
N TRP A 172 22.38 13.83 8.32
CA TRP A 172 21.10 13.20 7.99
C TRP A 172 20.85 11.86 8.67
N THR A 173 19.60 11.65 9.08
CA THR A 173 19.23 10.41 9.75
C THR A 173 17.84 9.95 9.33
N HIS A 174 17.56 8.68 9.54
CA HIS A 174 16.27 8.07 9.22
C HIS A 174 16.09 6.90 10.14
N HIS A 175 14.84 6.58 10.45
CA HIS A 175 14.60 5.44 11.30
C HIS A 175 13.14 5.00 11.27
N SER A 176 12.93 3.70 11.47
CA SER A 176 11.60 3.13 11.47
C SER A 176 10.96 3.31 12.83
N MET A 177 9.72 3.78 12.85
CA MET A 177 8.98 4.00 14.09
C MET A 177 8.41 2.66 14.59
N LYS A 178 8.96 2.15 15.68
CA LYS A 178 8.57 0.88 16.27
C LYS A 178 7.06 0.73 16.58
N PRO A 179 6.54 -0.51 16.57
CA PRO A 179 5.12 -0.80 16.84
C PRO A 179 4.61 -0.32 18.20
N HIS A 180 5.50 -0.25 19.18
CA HIS A 180 5.11 0.18 20.52
C HIS A 180 5.04 1.71 20.62
N GLU A 181 5.60 2.40 19.63
CA GLU A 181 5.59 3.87 19.59
C GLU A 181 4.25 4.36 19.08
N ILE A 182 4.03 4.17 17.78
CA ILE A 182 2.82 4.61 17.11
C ILE A 182 1.71 3.55 17.16
N PRO A 183 0.45 3.98 16.95
CA PRO A 183 -0.65 3.00 16.98
C PRO A 183 -0.62 2.05 15.78
N GLN A 184 -0.98 0.80 16.04
CA GLN A 184 -1.00 -0.23 14.99
C GLN A 184 -2.45 -0.54 14.64
N GLN A 185 -2.69 -1.16 13.49
CA GLN A 185 -4.05 -1.49 13.12
C GLN A 185 -4.38 -2.91 13.54
N LEU A 186 -5.66 -3.21 13.70
CA LEU A 186 -6.05 -4.53 14.13
C LEU A 186 -6.92 -5.27 13.13
N ASN A 187 -6.62 -5.04 11.86
CA ASN A 187 -7.36 -5.70 10.79
C ASN A 187 -6.51 -5.62 9.52
N GLY A 188 -7.07 -6.06 8.41
CA GLY A 188 -6.31 -6.01 7.17
C GLY A 188 -6.99 -5.15 6.14
N SER A 189 -7.58 -4.04 6.58
CA SER A 189 -8.27 -3.16 5.65
C SER A 189 -7.91 -1.69 5.84
N ASP A 190 -7.88 -1.25 7.09
CA ASP A 190 -7.62 0.14 7.46
C ASP A 190 -6.25 0.80 7.30
N SER A 191 -5.23 0.07 6.85
CA SER A 191 -3.91 0.68 6.72
C SER A 191 -3.90 1.94 5.84
N GLY A 192 -4.96 2.14 5.05
CA GLY A 192 -5.03 3.33 4.22
C GLY A 192 -5.11 4.57 5.07
N MET A 193 -6.10 4.59 5.96
CA MET A 193 -6.33 5.71 6.88
C MET A 193 -5.10 5.93 7.75
N PHE A 194 -4.67 4.87 8.41
CA PHE A 194 -3.50 4.95 9.27
C PHE A 194 -2.36 5.74 8.67
N THR A 195 -2.32 5.84 7.34
CA THR A 195 -1.26 6.57 6.69
C THR A 195 -1.57 8.04 6.52
N CYS A 196 -2.84 8.35 6.29
CA CYS A 196 -3.26 9.72 6.11
C CYS A 196 -3.26 10.40 7.47
N LYS A 197 -3.94 9.77 8.42
CA LYS A 197 -4.00 10.33 9.74
C LYS A 197 -2.61 10.44 10.36
N TYR A 198 -1.67 9.63 9.87
CA TYR A 198 -0.32 9.74 10.40
C TYR A 198 0.21 11.08 9.94
N ALA A 199 -0.30 11.56 8.80
CA ALA A 199 0.15 12.84 8.27
C ALA A 199 -0.64 13.99 8.88
N ASP A 200 -1.96 13.83 9.01
CA ASP A 200 -2.79 14.88 9.59
C ASP A 200 -2.20 15.35 10.92
N TYR A 201 -1.47 14.46 11.59
CA TYR A 201 -0.84 14.79 12.87
C TYR A 201 0.62 15.15 12.72
N ILE A 202 1.42 14.21 12.25
CA ILE A 202 2.84 14.45 12.05
C ILE A 202 3.05 15.79 11.36
N SER A 203 2.11 16.16 10.49
CA SER A 203 2.20 17.42 9.78
C SER A 203 2.07 18.57 10.78
N ARG A 204 1.08 18.47 11.66
CA ARG A 204 0.83 19.50 12.67
C ARG A 204 1.77 19.37 13.87
N ASP A 205 2.85 18.60 13.71
CA ASP A 205 3.81 18.37 14.78
C ASP A 205 3.18 17.80 16.03
N LYS A 206 1.96 17.30 15.89
CA LYS A 206 1.21 16.72 17.01
C LYS A 206 1.44 15.21 17.16
N PRO A 207 1.42 14.71 18.41
CA PRO A 207 1.62 13.31 18.80
C PRO A 207 0.47 12.37 18.45
N ILE A 208 0.83 11.22 17.87
CA ILE A 208 -0.15 10.22 17.48
C ILE A 208 -0.74 9.60 18.73
N THR A 209 -1.94 10.06 19.06
CA THR A 209 -2.65 9.61 20.25
C THR A 209 -3.89 8.80 19.86
N PHE A 210 -4.17 8.73 18.55
CA PHE A 210 -5.34 8.01 18.08
C PHE A 210 -5.18 6.49 17.98
N THR A 211 -6.30 5.79 17.82
CA THR A 211 -6.26 4.35 17.73
C THR A 211 -7.36 3.71 16.90
N GLN A 212 -7.47 2.39 17.05
CA GLN A 212 -8.46 1.63 16.29
C GLN A 212 -9.91 1.94 16.57
N HIS A 213 -10.37 1.83 17.82
CA HIS A 213 -11.77 2.10 18.12
C HIS A 213 -12.23 3.53 17.83
N GLN A 214 -11.70 4.09 16.74
CA GLN A 214 -12.02 5.44 16.31
C GLN A 214 -11.94 5.57 14.79
N MET A 215 -11.09 4.74 14.18
CA MET A 215 -10.88 4.74 12.73
C MET A 215 -12.14 4.76 11.89
N PRO A 216 -13.14 3.91 12.22
CA PRO A 216 -14.37 3.88 11.43
C PRO A 216 -14.82 5.30 11.15
N LEU A 217 -14.94 6.06 12.23
CA LEU A 217 -15.35 7.46 12.19
C LEU A 217 -14.42 8.21 11.25
N PHE A 218 -13.13 8.22 11.59
CA PHE A 218 -12.12 8.89 10.77
C PHE A 218 -12.45 8.72 9.31
N ARG A 219 -12.91 7.53 8.95
CA ARG A 219 -13.27 7.22 7.58
C ARG A 219 -14.38 8.13 7.07
N LYS A 220 -15.47 8.22 7.82
CA LYS A 220 -16.59 9.06 7.42
C LYS A 220 -16.19 10.52 7.25
N LYS A 221 -15.75 11.15 8.34
CA LYS A 221 -15.32 12.54 8.28
C LYS A 221 -14.45 12.73 7.05
N MET A 222 -13.58 11.76 6.81
CA MET A 222 -12.68 11.82 5.66
C MET A 222 -13.43 11.98 4.34
N VAL A 223 -14.53 11.27 4.15
CA VAL A 223 -15.28 11.43 2.90
C VAL A 223 -15.87 12.83 2.89
N TRP A 224 -16.32 13.28 4.06
CA TRP A 224 -16.91 14.61 4.24
C TRP A 224 -15.80 15.61 3.93
N GLU A 225 -14.72 15.52 4.72
CA GLU A 225 -13.55 16.37 4.58
C GLU A 225 -13.21 16.59 3.11
N ILE A 226 -13.35 15.54 2.32
CA ILE A 226 -13.04 15.59 0.89
C ILE A 226 -14.17 16.17 0.06
N LEU A 227 -15.40 16.00 0.52
CA LEU A 227 -16.53 16.55 -0.18
C LEU A 227 -16.29 18.04 -0.23
N HIS A 228 -16.32 18.63 0.96
CA HIS A 228 -16.14 20.06 1.15
C HIS A 228 -14.72 20.55 0.94
N GLN A 229 -13.74 19.65 1.08
CA GLN A 229 -12.35 20.04 0.90
C GLN A 229 -11.93 20.88 2.11
N GLN A 230 -12.73 20.79 3.16
CA GLN A 230 -12.51 21.48 4.43
C GLN A 230 -12.04 20.44 5.46
N LEU A 231 -10.78 20.52 5.86
CA LEU A 231 -10.25 19.56 6.84
C LEU A 231 -10.70 19.85 8.26
N LEU A 232 -11.43 18.92 8.87
CA LEU A 232 -11.89 19.11 10.23
C LEU A 232 -11.35 18.05 11.20
N LYS B 8 2.90 15.29 -32.34
CA LYS B 8 3.75 14.09 -32.11
C LYS B 8 4.02 13.85 -30.62
N LEU B 9 3.71 12.65 -30.14
CA LEU B 9 3.90 12.29 -28.73
C LEU B 9 4.20 10.80 -28.48
N LYS B 10 4.09 10.41 -27.21
CA LYS B 10 4.31 9.03 -26.75
C LYS B 10 3.51 8.87 -25.46
N VAL B 11 3.23 7.63 -25.07
CA VAL B 11 2.46 7.40 -23.85
C VAL B 11 2.92 6.13 -23.12
N ILE B 12 4.21 5.99 -22.88
CA ILE B 12 4.77 4.81 -22.21
C ILE B 12 4.00 4.41 -20.94
N GLY B 13 3.57 3.15 -20.90
CA GLY B 13 2.84 2.69 -19.74
C GLY B 13 3.71 2.11 -18.64
N GLN B 14 3.05 1.57 -17.61
CA GLN B 14 3.73 0.93 -16.49
C GLN B 14 4.29 -0.39 -17.01
N ASP B 15 5.28 -0.33 -17.91
CA ASP B 15 5.87 -1.53 -18.47
C ASP B 15 6.93 -1.23 -19.53
N SER B 16 6.49 -0.75 -20.68
CA SER B 16 7.38 -0.41 -21.80
C SER B 16 6.60 0.08 -23.02
N SER B 17 5.50 -0.63 -23.31
CA SER B 17 4.61 -0.34 -24.44
C SER B 17 4.62 1.09 -24.96
N GLU B 18 5.36 1.33 -26.04
CA GLU B 18 5.44 2.66 -26.63
C GLU B 18 4.41 2.84 -27.75
N ILE B 19 3.29 3.48 -27.39
CA ILE B 19 2.19 3.76 -28.32
C ILE B 19 2.34 5.21 -28.80
N HIS B 20 3.19 5.41 -29.81
CA HIS B 20 3.47 6.72 -30.38
C HIS B 20 2.19 7.45 -30.84
N PHE B 21 2.01 8.69 -30.39
CA PHE B 21 0.84 9.48 -30.74
C PHE B 21 1.17 10.78 -31.47
N LYS B 22 0.13 11.58 -31.71
CA LYS B 22 0.27 12.87 -32.39
C LYS B 22 -1.04 13.68 -32.34
N VAL B 23 -0.89 14.98 -32.05
CA VAL B 23 -2.01 15.93 -31.99
C VAL B 23 -1.47 17.37 -31.87
N LYS B 24 -2.33 18.36 -32.11
CA LYS B 24 -1.92 19.76 -32.03
C LYS B 24 -2.27 20.35 -30.66
N MET B 25 -1.30 21.06 -30.11
CA MET B 25 -1.40 21.70 -28.81
C MET B 25 -2.43 22.83 -28.68
N THR B 26 -3.65 22.46 -28.31
CA THR B 26 -4.74 23.42 -28.14
C THR B 26 -5.96 22.74 -27.56
N THR B 27 -6.40 21.69 -28.24
CA THR B 27 -7.58 20.98 -27.81
C THR B 27 -7.36 19.93 -26.75
N HIS B 28 -8.43 19.67 -26.02
CA HIS B 28 -8.46 18.71 -24.93
C HIS B 28 -7.57 17.49 -25.08
N LEU B 29 -7.30 16.87 -23.94
CA LEU B 29 -6.49 15.67 -23.88
C LEU B 29 -7.44 14.55 -23.57
N LYS B 30 -8.67 14.91 -23.19
CA LYS B 30 -9.70 13.93 -22.88
C LYS B 30 -9.92 13.05 -24.10
N LYS B 31 -9.77 13.65 -25.28
CA LYS B 31 -9.93 12.91 -26.53
C LYS B 31 -8.74 11.97 -26.68
N LEU B 32 -7.60 12.40 -26.15
CA LEU B 32 -6.38 11.60 -26.21
C LEU B 32 -6.42 10.53 -25.13
N LYS B 33 -7.35 10.69 -24.20
CA LYS B 33 -7.51 9.74 -23.11
C LYS B 33 -8.26 8.54 -23.72
N GLU B 34 -9.56 8.73 -23.98
CA GLU B 34 -10.40 7.66 -24.55
C GLU B 34 -9.66 6.94 -25.66
N SER B 35 -8.93 7.71 -26.45
CA SER B 35 -8.17 7.18 -27.56
C SER B 35 -7.25 6.06 -27.12
N TYR B 36 -6.42 6.36 -26.12
CA TYR B 36 -5.47 5.38 -25.61
C TYR B 36 -6.18 4.20 -24.93
N CYS B 37 -7.04 4.52 -23.96
CA CYS B 37 -7.78 3.52 -23.22
C CYS B 37 -8.64 2.66 -24.13
N GLN B 38 -8.60 2.97 -25.42
CA GLN B 38 -9.38 2.22 -26.40
C GLN B 38 -8.76 0.85 -26.60
N ARG B 39 -7.50 0.82 -27.03
CA ARG B 39 -6.81 -0.44 -27.27
C ARG B 39 -6.06 -1.03 -26.07
N GLN B 40 -6.78 -1.20 -24.95
CA GLN B 40 -6.20 -1.75 -23.72
C GLN B 40 -7.11 -2.83 -23.09
N GLY B 41 -6.54 -3.65 -22.21
CA GLY B 41 -7.29 -4.72 -21.57
C GLY B 41 -8.15 -4.36 -20.37
N VAL B 42 -7.93 -3.17 -19.81
CA VAL B 42 -8.69 -2.66 -18.65
C VAL B 42 -8.91 -1.15 -18.90
N PRO B 43 -10.16 -0.66 -18.73
CA PRO B 43 -10.60 0.73 -18.93
C PRO B 43 -9.67 1.87 -18.43
N MET B 44 -10.18 3.09 -18.56
CA MET B 44 -9.46 4.30 -18.16
C MET B 44 -9.32 4.49 -16.65
N ASN B 45 -10.45 4.55 -15.95
CA ASN B 45 -10.45 4.76 -14.50
C ASN B 45 -9.60 3.74 -13.73
N SER B 46 -8.93 2.86 -14.46
CA SER B 46 -8.04 1.88 -13.86
C SER B 46 -6.65 2.47 -14.08
N LEU B 47 -6.60 3.46 -14.97
CA LEU B 47 -5.38 4.19 -15.33
C LEU B 47 -5.53 5.67 -15.03
N ARG B 48 -4.40 6.37 -14.96
CA ARG B 48 -4.38 7.80 -14.73
C ARG B 48 -3.18 8.35 -15.47
N PHE B 49 -3.35 9.49 -16.11
CA PHE B 49 -2.28 10.07 -16.91
C PHE B 49 -1.45 11.14 -16.25
N LEU B 50 -0.16 10.88 -16.18
CA LEU B 50 0.74 11.86 -15.60
C LEU B 50 1.75 12.36 -16.61
N PHE B 51 2.07 13.64 -16.49
CA PHE B 51 3.00 14.32 -17.37
C PHE B 51 4.03 15.00 -16.47
N GLU B 52 5.26 14.50 -16.53
CA GLU B 52 6.34 15.04 -15.73
C GLU B 52 5.94 15.11 -14.25
N GLY B 53 4.96 14.32 -13.85
CA GLY B 53 4.54 14.35 -12.46
C GLY B 53 3.12 14.79 -12.24
N GLN B 54 2.80 16.03 -12.58
CA GLN B 54 1.44 16.54 -12.40
C GLN B 54 0.48 15.62 -13.16
N ARG B 55 -0.69 15.36 -12.57
CA ARG B 55 -1.72 14.49 -13.14
C ARG B 55 -2.65 15.20 -14.11
N ILE B 56 -2.40 15.03 -15.41
CA ILE B 56 -3.18 15.64 -16.50
C ILE B 56 -4.69 15.44 -16.45
N ALA B 57 -5.41 16.38 -15.85
CA ALA B 57 -6.86 16.29 -15.76
C ALA B 57 -7.48 16.24 -17.15
N ASP B 58 -8.81 16.09 -17.21
CA ASP B 58 -9.51 16.07 -18.49
C ASP B 58 -9.67 17.50 -18.99
N ASN B 59 -10.12 18.39 -18.11
CA ASN B 59 -10.33 19.82 -18.43
C ASN B 59 -8.99 20.44 -18.88
N HIS B 60 -7.92 19.70 -18.66
CA HIS B 60 -6.57 20.12 -19.01
C HIS B 60 -6.40 20.12 -20.54
N THR B 61 -5.48 20.96 -21.02
CA THR B 61 -5.19 21.08 -22.45
C THR B 61 -3.69 21.25 -22.65
N PRO B 62 -3.13 20.68 -23.73
CA PRO B 62 -1.69 20.80 -24.01
C PRO B 62 -1.29 22.26 -24.06
N LYS B 63 -2.31 23.11 -24.21
CA LYS B 63 -2.15 24.55 -24.28
C LYS B 63 -2.01 25.16 -22.89
N GLU B 64 -2.60 24.52 -21.88
CA GLU B 64 -2.48 25.00 -20.50
C GLU B 64 -1.36 24.22 -19.80
N LEU B 65 -0.80 23.24 -20.51
CA LEU B 65 0.26 22.39 -19.97
C LEU B 65 1.68 22.77 -20.39
N GLY B 66 1.82 23.31 -21.58
CA GLY B 66 3.16 23.66 -22.03
C GLY B 66 3.94 22.36 -22.15
N MET B 67 3.44 21.49 -23.02
CA MET B 67 4.05 20.19 -23.28
C MET B 67 4.92 20.34 -24.51
N GLU B 68 6.01 19.57 -24.56
CA GLU B 68 6.91 19.64 -25.70
C GLU B 68 6.72 18.48 -26.66
N GLU B 69 6.42 18.79 -27.92
CA GLU B 69 6.20 17.73 -28.91
C GLU B 69 7.33 16.70 -28.83
N GLU B 70 6.95 15.43 -28.96
CA GLU B 70 7.90 14.33 -28.88
C GLU B 70 8.28 14.21 -27.39
N ASP B 71 7.27 14.39 -26.55
CA ASP B 71 7.40 14.31 -25.09
C ASP B 71 6.77 12.99 -24.63
N VAL B 72 6.95 12.66 -23.35
CA VAL B 72 6.40 11.41 -22.81
C VAL B 72 5.30 11.62 -21.76
N ILE B 73 4.13 11.05 -22.01
CA ILE B 73 3.02 11.17 -21.08
C ILE B 73 2.77 9.81 -20.42
N GLU B 74 3.53 9.53 -19.38
CA GLU B 74 3.44 8.26 -18.66
C GLU B 74 2.04 7.96 -18.11
N VAL B 75 1.77 6.67 -17.94
CA VAL B 75 0.48 6.24 -17.41
C VAL B 75 0.69 5.15 -16.37
N TYR B 76 -0.05 5.30 -15.27
CA TYR B 76 0.03 4.37 -14.14
C TYR B 76 -1.32 3.74 -13.80
N GLN B 77 -1.27 2.55 -13.22
CA GLN B 77 -2.47 1.81 -12.85
C GLN B 77 -2.84 2.05 -11.39
N GLU B 78 -4.14 2.08 -11.12
CA GLU B 78 -4.66 2.30 -9.78
C GLU B 78 -3.85 1.55 -8.73
N GLN B 79 -3.91 2.05 -7.51
CA GLN B 79 -3.23 1.42 -6.38
C GLN B 79 -4.23 1.29 -5.26
N THR B 80 -4.06 0.28 -4.44
CA THR B 80 -4.96 0.06 -3.34
C THR B 80 -4.19 -0.65 -2.26
N GLY B 81 -4.43 -0.24 -1.02
CA GLY B 81 -3.77 -0.85 0.11
C GLY B 81 -4.68 -0.87 1.30
N GLY B 82 -4.44 -1.81 2.21
CA GLY B 82 -5.26 -1.93 3.42
C GLY B 82 -4.62 -2.91 4.41
N ALA C 17 27.81 -21.55 15.16
CA ALA C 17 28.13 -21.67 13.74
C ALA C 17 27.37 -22.80 13.06
N ASP C 18 26.68 -23.64 13.85
CA ASP C 18 25.92 -24.76 13.33
C ASP C 18 24.45 -24.32 13.18
N VAL C 19 24.06 -23.36 14.01
CA VAL C 19 22.71 -22.80 13.99
C VAL C 19 22.57 -21.94 12.72
N SER C 20 23.49 -20.99 12.58
CA SER C 20 23.53 -20.06 11.44
C SER C 20 23.51 -20.77 10.10
N THR C 21 24.23 -21.88 10.03
CA THR C 21 24.32 -22.68 8.81
C THR C 21 22.96 -23.26 8.47
N PHE C 22 22.32 -23.83 9.49
CA PHE C 22 21.00 -24.41 9.34
C PHE C 22 20.00 -23.34 8.92
N LEU C 23 20.00 -22.22 9.65
CA LEU C 23 19.10 -21.13 9.33
C LEU C 23 19.23 -20.69 7.87
N ALA C 24 20.46 -20.46 7.40
CA ALA C 24 20.70 -20.05 6.01
C ALA C 24 19.72 -20.78 5.09
N PHE C 25 19.77 -22.11 5.12
CA PHE C 25 18.83 -22.95 4.36
C PHE C 25 18.54 -24.20 5.16
N PRO C 26 17.39 -24.21 5.86
CA PRO C 26 16.90 -25.31 6.69
C PRO C 26 16.81 -26.65 5.97
N SER C 27 16.68 -27.71 6.77
CA SER C 27 16.56 -29.06 6.24
C SER C 27 16.14 -29.95 7.40
N PRO C 28 15.29 -30.96 7.13
CA PRO C 28 14.85 -31.86 8.20
C PRO C 28 16.06 -32.39 8.96
N GLU C 29 16.99 -32.97 8.21
CA GLU C 29 18.23 -33.52 8.76
C GLU C 29 19.13 -32.41 9.31
N LYS C 30 19.09 -31.24 8.70
CA LYS C 30 19.92 -30.12 9.15
C LYS C 30 19.61 -29.78 10.60
N LEU C 31 18.34 -29.94 10.99
CA LEU C 31 17.89 -29.66 12.35
C LEU C 31 18.22 -30.84 13.26
N LEU C 32 17.98 -32.05 12.75
CA LEU C 32 18.24 -33.29 13.47
C LEU C 32 19.72 -33.51 13.79
N ARG C 33 20.61 -32.92 12.99
CA ARG C 33 22.04 -33.04 13.20
C ARG C 33 22.50 -31.86 14.05
N LEU C 34 21.82 -31.70 15.17
CA LEU C 34 22.10 -30.66 16.13
C LEU C 34 21.67 -31.26 17.46
N GLY C 35 21.26 -32.51 17.39
CA GLY C 35 20.82 -33.25 18.56
C GLY C 35 19.80 -32.53 19.41
N PRO C 36 19.65 -32.96 20.68
CA PRO C 36 18.71 -32.39 21.65
C PRO C 36 19.03 -30.94 22.02
N LYS C 37 20.26 -30.52 21.74
CA LYS C 37 20.69 -29.17 22.07
C LYS C 37 20.18 -28.11 21.09
N SER C 38 19.78 -28.52 19.89
CA SER C 38 19.28 -27.60 18.86
C SER C 38 18.08 -26.79 19.32
N SER C 39 17.26 -27.38 20.18
CA SER C 39 16.08 -26.68 20.67
C SER C 39 16.43 -25.28 21.20
N VAL C 40 17.02 -25.20 22.39
CA VAL C 40 17.38 -23.90 22.97
C VAL C 40 18.56 -23.25 22.25
N LEU C 41 19.27 -24.05 21.44
CA LEU C 41 20.40 -23.55 20.68
C LEU C 41 19.91 -22.44 19.74
N ILE C 42 18.90 -22.78 18.94
CA ILE C 42 18.32 -21.83 17.98
C ILE C 42 17.66 -20.69 18.73
N ALA C 43 16.83 -21.03 19.72
CA ALA C 43 16.10 -20.06 20.52
C ALA C 43 16.97 -18.96 21.13
N GLN C 44 18.11 -19.35 21.68
CA GLN C 44 19.00 -18.38 22.30
C GLN C 44 19.78 -17.57 21.25
N GLN C 45 20.06 -18.20 20.10
CA GLN C 45 20.81 -17.53 19.04
C GLN C 45 19.88 -16.62 18.21
N THR C 46 18.71 -16.30 18.76
CA THR C 46 17.73 -15.46 18.08
C THR C 46 17.20 -14.31 18.94
N ASP C 47 17.66 -13.09 18.65
CA ASP C 47 17.28 -11.88 19.36
C ASP C 47 15.79 -11.53 19.27
N THR C 48 15.11 -11.49 20.42
CA THR C 48 13.67 -11.19 20.42
C THR C 48 13.32 -9.73 20.75
N SER C 49 14.27 -8.82 20.54
CA SER C 49 14.01 -7.41 20.80
C SER C 49 12.99 -6.93 19.77
N ASP C 50 13.17 -7.41 18.55
CA ASP C 50 12.30 -7.04 17.46
C ASP C 50 11.51 -8.27 16.99
N PRO C 51 10.17 -8.17 16.99
CA PRO C 51 9.23 -9.23 16.59
C PRO C 51 9.49 -9.86 15.23
N GLU C 52 10.32 -9.22 14.39
CA GLU C 52 10.59 -9.74 13.05
C GLU C 52 11.62 -10.86 13.01
N LYS C 53 12.79 -10.64 13.61
CA LYS C 53 13.82 -11.67 13.62
C LYS C 53 13.19 -12.96 14.17
N VAL C 54 12.28 -12.79 15.12
CA VAL C 54 11.57 -13.88 15.78
C VAL C 54 10.71 -14.67 14.80
N VAL C 55 9.88 -13.94 14.05
CA VAL C 55 9.01 -14.55 13.06
C VAL C 55 9.96 -15.18 12.05
N SER C 56 10.88 -14.35 11.57
CA SER C 56 11.89 -14.76 10.60
C SER C 56 12.43 -16.12 10.99
N ALA C 57 12.61 -16.30 12.30
CA ALA C 57 13.09 -17.56 12.83
C ALA C 57 11.94 -18.57 12.87
N PHE C 58 10.85 -18.21 13.55
CA PHE C 58 9.68 -19.09 13.65
C PHE C 58 9.42 -19.75 12.32
N LEU C 59 9.62 -19.01 11.24
CA LEU C 59 9.35 -19.53 9.91
C LEU C 59 10.37 -20.53 9.39
N LYS C 60 11.66 -20.21 9.50
CA LYS C 60 12.68 -21.11 9.00
C LYS C 60 12.65 -22.45 9.70
N VAL C 61 12.36 -22.44 10.99
CA VAL C 61 12.30 -23.66 11.77
C VAL C 61 11.15 -24.58 11.35
N SER C 62 9.95 -24.02 11.26
CA SER C 62 8.79 -24.80 10.89
C SER C 62 8.74 -25.14 9.40
N SER C 63 9.45 -24.34 8.60
CA SER C 63 9.51 -24.56 7.15
C SER C 63 10.05 -25.95 6.86
N VAL C 64 10.54 -26.59 7.91
CA VAL C 64 11.14 -27.92 7.82
C VAL C 64 10.16 -29.06 8.01
N PHE C 65 9.08 -28.79 8.73
CA PHE C 65 8.10 -29.82 9.02
C PHE C 65 7.78 -30.80 7.89
N LYS C 66 7.55 -32.05 8.30
CA LYS C 66 7.21 -33.15 7.41
C LYS C 66 6.59 -34.23 8.30
N ASP C 67 5.60 -34.96 7.78
CA ASP C 67 4.97 -35.98 8.60
C ASP C 67 5.98 -37.06 8.97
N GLU C 68 6.53 -36.94 10.17
CA GLU C 68 7.53 -37.87 10.66
C GLU C 68 8.00 -37.35 12.02
N ALA C 69 7.38 -37.87 13.08
CA ALA C 69 7.67 -37.50 14.47
C ALA C 69 9.03 -36.88 14.69
N THR C 70 10.07 -37.58 14.20
CA THR C 70 11.45 -37.12 14.32
C THR C 70 11.49 -35.62 14.08
N VAL C 71 11.00 -35.24 12.91
CA VAL C 71 10.98 -33.86 12.48
C VAL C 71 9.92 -33.05 13.19
N ARG C 72 8.72 -33.62 13.26
CA ARG C 72 7.60 -32.96 13.92
C ARG C 72 8.05 -32.44 15.27
N MET C 73 8.17 -33.36 16.22
CA MET C 73 8.58 -33.04 17.58
C MET C 73 9.75 -32.07 17.63
N ALA C 74 10.82 -32.35 16.88
CA ALA C 74 11.98 -31.48 16.86
C ALA C 74 11.49 -30.05 16.75
N VAL C 75 10.82 -29.77 15.63
CA VAL C 75 10.28 -28.45 15.33
C VAL C 75 9.46 -27.91 16.50
N GLN C 76 8.50 -28.69 16.98
CA GLN C 76 7.67 -28.24 18.08
C GLN C 76 8.55 -27.77 19.22
N ASP C 77 9.18 -28.74 19.89
CA ASP C 77 10.05 -28.47 21.01
C ASP C 77 10.92 -27.26 20.67
N ALA C 78 11.40 -27.21 19.43
CA ALA C 78 12.23 -26.10 18.96
C ALA C 78 11.47 -24.80 19.10
N VAL C 79 10.34 -24.73 18.42
CA VAL C 79 9.50 -23.56 18.45
C VAL C 79 9.21 -23.10 19.87
N ASP C 80 8.86 -24.06 20.74
CA ASP C 80 8.56 -23.75 22.14
C ASP C 80 9.71 -22.99 22.77
N ALA C 81 10.93 -23.42 22.46
CA ALA C 81 12.10 -22.75 23.01
C ALA C 81 12.01 -21.28 22.60
N LEU C 82 12.08 -21.04 21.30
CA LEU C 82 12.03 -19.69 20.77
C LEU C 82 10.87 -18.84 21.26
N MET C 83 9.70 -19.45 21.37
CA MET C 83 8.52 -18.70 21.80
C MET C 83 8.44 -18.39 23.27
N GLN C 84 9.01 -19.22 24.13
CA GLN C 84 8.98 -18.93 25.55
C GLN C 84 9.98 -17.81 25.77
N LYS C 85 11.21 -18.06 25.31
CA LYS C 85 12.25 -17.06 25.45
C LYS C 85 11.68 -15.75 24.92
N ALA C 86 10.91 -15.86 23.85
CA ALA C 86 10.29 -14.71 23.22
C ALA C 86 9.28 -14.00 24.11
N PHE C 87 8.21 -14.68 24.48
CA PHE C 87 7.19 -14.07 25.32
C PHE C 87 7.77 -13.44 26.59
N ASN C 88 8.70 -14.13 27.24
CA ASN C 88 9.31 -13.63 28.47
C ASN C 88 10.32 -12.50 28.26
N SER C 89 9.82 -11.32 27.86
CA SER C 89 10.65 -10.15 27.63
C SER C 89 9.82 -8.95 27.13
N SER C 90 9.87 -7.85 27.88
CA SER C 90 9.16 -6.61 27.55
C SER C 90 9.41 -6.13 26.12
N SER C 91 10.65 -6.25 25.68
CA SER C 91 11.07 -5.81 24.35
C SER C 91 10.33 -6.53 23.23
N PHE C 92 9.23 -7.20 23.57
CA PHE C 92 8.49 -7.97 22.58
C PHE C 92 7.06 -7.52 22.34
N ASN C 93 6.73 -7.22 21.08
CA ASN C 93 5.38 -6.83 20.69
C ASN C 93 4.70 -8.08 20.12
N SER C 94 4.03 -8.84 20.98
CA SER C 94 3.36 -10.07 20.55
C SER C 94 2.15 -9.82 19.67
N ASN C 95 1.88 -8.56 19.37
CA ASN C 95 0.77 -8.22 18.49
C ASN C 95 1.36 -8.18 17.11
N THR C 96 2.42 -7.40 16.95
CA THR C 96 3.04 -7.33 15.65
C THR C 96 3.54 -8.71 15.26
N PHE C 97 4.26 -9.39 16.15
CA PHE C 97 4.73 -10.74 15.80
C PHE C 97 3.56 -11.45 15.16
N LEU C 98 2.55 -11.73 15.98
CA LEU C 98 1.33 -12.39 15.56
C LEU C 98 0.96 -11.81 14.18
N THR C 99 0.65 -10.52 14.15
CA THR C 99 0.29 -9.80 12.92
C THR C 99 1.18 -10.31 11.79
N ARG C 100 2.41 -9.79 11.80
CA ARG C 100 3.44 -10.11 10.83
C ARG C 100 3.50 -11.58 10.44
N LEU C 101 3.09 -12.48 11.33
CA LEU C 101 3.14 -13.90 10.98
C LEU C 101 1.99 -14.24 10.03
N LEU C 102 0.82 -13.67 10.31
CA LEU C 102 -0.37 -13.88 9.51
C LEU C 102 -0.22 -13.35 8.12
N VAL C 103 0.55 -12.29 7.99
CA VAL C 103 0.71 -11.74 6.67
C VAL C 103 1.63 -12.65 5.87
N HIS C 104 2.63 -13.23 6.52
CA HIS C 104 3.51 -14.10 5.77
C HIS C 104 2.79 -15.35 5.35
N MET C 105 1.84 -15.78 6.16
CA MET C 105 1.07 -16.96 5.83
C MET C 105 -0.04 -16.55 4.88
N GLY C 106 -0.02 -15.30 4.47
CA GLY C 106 -1.03 -14.80 3.56
C GLY C 106 -2.43 -15.01 4.11
N LEU C 107 -2.55 -15.10 5.43
CA LEU C 107 -3.86 -15.25 6.04
C LEU C 107 -4.40 -13.83 6.15
N LEU C 108 -3.49 -12.87 6.03
CA LEU C 108 -3.86 -11.47 6.09
C LEU C 108 -3.32 -10.74 4.89
N LYS C 109 -4.03 -9.71 4.44
CA LYS C 109 -3.61 -8.97 3.26
C LYS C 109 -3.66 -9.99 2.12
N SER C 110 -2.76 -9.85 1.15
CA SER C 110 -2.67 -10.74 -0.03
C SER C 110 -3.48 -10.23 -1.22
N GLU C 111 -4.70 -9.75 -0.98
CA GLU C 111 -5.56 -9.24 -2.05
C GLU C 111 -6.69 -8.37 -1.53
N ASP C 112 -7.05 -7.37 -2.34
CA ASP C 112 -8.15 -6.48 -2.01
C ASP C 112 -9.40 -7.31 -2.23
N LYS C 113 -9.61 -8.32 -1.40
CA LYS C 113 -10.78 -9.18 -1.56
C LYS C 113 -12.05 -8.40 -1.85
N VAL C 114 -12.30 -7.36 -1.06
CA VAL C 114 -13.48 -6.53 -1.25
C VAL C 114 -13.68 -6.17 -2.72
N LYS C 115 -12.61 -5.70 -3.34
CA LYS C 115 -12.66 -5.30 -4.74
C LYS C 115 -12.73 -6.53 -5.63
N ALA C 116 -11.83 -7.48 -5.40
CA ALA C 116 -11.79 -8.71 -6.20
C ALA C 116 -13.17 -9.31 -6.41
N ILE C 117 -13.96 -9.34 -5.35
CA ILE C 117 -15.30 -9.88 -5.43
C ILE C 117 -16.13 -8.93 -6.27
N ALA C 118 -16.11 -7.67 -5.90
CA ALA C 118 -16.84 -6.63 -6.60
C ALA C 118 -16.65 -6.67 -8.12
N ASN C 119 -15.53 -7.20 -8.60
CA ASN C 119 -15.35 -7.26 -10.04
C ASN C 119 -16.04 -8.46 -10.65
N LEU C 120 -15.92 -9.60 -9.99
CA LEU C 120 -16.55 -10.83 -10.45
C LEU C 120 -18.06 -10.71 -10.59
N TYR C 121 -18.72 -10.09 -9.62
CA TYR C 121 -20.18 -9.96 -9.70
C TYR C 121 -20.70 -9.91 -11.12
N GLY C 122 -20.18 -8.97 -11.91
CA GLY C 122 -20.61 -8.83 -13.28
C GLY C 122 -20.35 -10.05 -14.16
N PRO C 123 -19.07 -10.32 -14.46
CA PRO C 123 -18.66 -11.45 -15.28
C PRO C 123 -19.32 -12.73 -14.79
N LEU C 124 -19.51 -12.79 -13.48
CA LEU C 124 -20.12 -13.95 -12.88
C LEU C 124 -21.60 -14.03 -13.24
N MET C 125 -22.30 -12.91 -13.12
CA MET C 125 -23.71 -12.83 -13.46
C MET C 125 -23.87 -13.22 -14.92
N ALA C 126 -22.93 -12.74 -15.72
CA ALA C 126 -22.93 -13.01 -17.14
C ALA C 126 -22.63 -14.48 -17.40
N LEU C 127 -21.39 -14.88 -17.15
CA LEU C 127 -20.97 -16.26 -17.39
C LEU C 127 -21.98 -17.33 -17.05
N ASN C 128 -22.68 -17.18 -15.92
CA ASN C 128 -23.69 -18.18 -15.57
C ASN C 128 -24.76 -18.11 -16.64
N HIS C 129 -25.43 -16.96 -16.71
CA HIS C 129 -26.46 -16.74 -17.71
C HIS C 129 -26.05 -17.47 -18.98
N MET C 130 -24.94 -17.04 -19.56
CA MET C 130 -24.46 -17.64 -20.79
C MET C 130 -24.62 -19.14 -20.84
N VAL C 131 -23.94 -19.85 -19.95
CA VAL C 131 -24.01 -21.30 -19.92
C VAL C 131 -25.46 -21.80 -20.06
N GLN C 132 -26.40 -21.09 -19.44
CA GLN C 132 -27.81 -21.46 -19.44
C GLN C 132 -28.62 -21.20 -20.72
N GLN C 133 -28.09 -20.41 -21.63
CA GLN C 133 -28.78 -20.11 -22.87
C GLN C 133 -28.71 -21.30 -23.83
N ASP C 134 -29.74 -21.43 -24.66
CA ASP C 134 -29.84 -22.53 -25.63
C ASP C 134 -28.72 -22.51 -26.67
N TYR C 135 -28.19 -21.32 -26.92
CA TYR C 135 -27.12 -21.17 -27.91
C TYR C 135 -25.78 -21.61 -27.37
N PHE C 136 -25.74 -21.99 -26.11
CA PHE C 136 -24.52 -22.44 -25.49
C PHE C 136 -24.28 -23.88 -25.97
N PRO C 137 -23.20 -24.10 -26.74
CA PRO C 137 -22.86 -25.42 -27.28
C PRO C 137 -22.70 -26.56 -26.26
N LYS C 138 -23.75 -27.37 -26.10
CA LYS C 138 -23.79 -28.51 -25.15
C LYS C 138 -22.44 -29.17 -24.88
N ALA C 139 -21.57 -29.17 -25.88
CA ALA C 139 -20.24 -29.77 -25.76
C ALA C 139 -19.34 -28.92 -24.88
N LEU C 140 -19.80 -27.72 -24.52
CA LEU C 140 -19.01 -26.81 -23.70
C LEU C 140 -19.18 -26.95 -22.20
N ALA C 141 -20.42 -27.01 -21.74
CA ALA C 141 -20.68 -27.14 -20.33
C ALA C 141 -19.67 -28.11 -19.73
N PRO C 142 -19.66 -29.36 -20.22
CA PRO C 142 -18.73 -30.38 -19.73
C PRO C 142 -17.30 -29.90 -19.61
N LEU C 143 -16.83 -29.17 -20.63
CA LEU C 143 -15.47 -28.66 -20.61
C LEU C 143 -15.32 -27.68 -19.47
N LEU C 144 -16.22 -26.70 -19.44
CA LEU C 144 -16.20 -25.70 -18.40
C LEU C 144 -16.12 -26.40 -17.04
N LEU C 145 -17.12 -27.21 -16.74
CA LEU C 145 -17.17 -27.95 -15.50
C LEU C 145 -15.84 -28.63 -15.24
N ALA C 146 -15.44 -29.51 -16.16
CA ALA C 146 -14.17 -30.25 -16.02
C ALA C 146 -13.00 -29.30 -15.78
N PHE C 147 -13.16 -28.06 -16.20
CA PHE C 147 -12.14 -27.02 -16.09
C PHE C 147 -11.93 -26.45 -14.70
N VAL C 148 -13.03 -26.27 -13.98
CA VAL C 148 -12.97 -25.70 -12.63
C VAL C 148 -12.97 -26.80 -11.59
N THR C 149 -12.75 -28.01 -12.07
CA THR C 149 -12.71 -29.19 -11.24
C THR C 149 -11.26 -29.60 -11.04
N LYS C 150 -10.39 -29.04 -11.88
CA LYS C 150 -8.96 -29.33 -11.81
C LYS C 150 -8.43 -28.70 -10.51
N PRO C 151 -7.41 -29.34 -9.91
CA PRO C 151 -6.79 -28.90 -8.66
C PRO C 151 -6.30 -27.47 -8.56
N ASN C 152 -5.91 -26.85 -9.68
CA ASN C 152 -5.45 -25.48 -9.57
C ASN C 152 -6.59 -24.50 -9.44
N SER C 153 -7.80 -25.01 -9.65
CA SER C 153 -8.99 -24.18 -9.55
C SER C 153 -9.87 -24.69 -8.41
N ALA C 154 -9.46 -25.80 -7.79
CA ALA C 154 -10.22 -26.39 -6.70
C ALA C 154 -9.51 -26.22 -5.37
N LEU C 155 -8.21 -26.54 -5.35
CA LEU C 155 -7.42 -26.44 -4.14
C LEU C 155 -7.29 -25.04 -3.57
N GLU C 156 -7.81 -24.84 -2.36
CA GLU C 156 -7.74 -23.56 -1.67
C GLU C 156 -6.57 -23.62 -0.69
N SER C 157 -5.73 -22.59 -0.73
CA SER C 157 -4.54 -22.51 0.10
C SER C 157 -4.75 -21.91 1.49
N SER C 158 -4.78 -20.57 1.56
CA SER C 158 -4.96 -19.89 2.84
C SER C 158 -6.38 -20.06 3.38
N SER C 159 -7.34 -20.09 2.47
CA SER C 159 -8.74 -20.27 2.86
C SER C 159 -8.88 -21.61 3.57
N PHE C 160 -7.76 -22.31 3.67
CA PHE C 160 -7.70 -23.62 4.30
C PHE C 160 -6.97 -23.45 5.63
N ALA C 161 -5.79 -22.85 5.53
CA ALA C 161 -4.96 -22.58 6.70
C ALA C 161 -5.92 -22.03 7.74
N ARG C 162 -6.51 -20.89 7.36
CA ARG C 162 -7.46 -20.18 8.18
C ARG C 162 -8.47 -21.07 8.89
N HIS C 163 -9.09 -22.01 8.20
CA HIS C 163 -10.05 -22.85 8.89
C HIS C 163 -9.40 -23.69 9.98
N SER C 164 -8.30 -24.34 9.62
CA SER C 164 -7.58 -25.17 10.58
C SER C 164 -7.32 -24.34 11.84
N LEU C 165 -6.77 -23.15 11.65
CA LEU C 165 -6.44 -22.26 12.74
C LEU C 165 -7.64 -21.98 13.65
N LEU C 166 -8.81 -21.77 13.04
CA LEU C 166 -10.04 -21.52 13.77
C LEU C 166 -10.40 -22.74 14.61
N GLN C 167 -10.42 -23.91 13.98
CA GLN C 167 -10.78 -25.12 14.69
C GLN C 167 -10.06 -25.16 16.03
N THR C 168 -8.73 -25.06 16.03
CA THR C 168 -7.98 -25.09 17.27
C THR C 168 -8.40 -23.96 18.21
N LEU C 169 -8.50 -22.74 17.67
CA LEU C 169 -8.92 -21.58 18.45
C LEU C 169 -10.19 -21.91 19.19
N TYR C 170 -11.12 -22.57 18.53
CA TYR C 170 -12.35 -22.91 19.19
C TYR C 170 -12.15 -24.15 20.07
N LYS C 171 -10.90 -24.45 20.38
CA LYS C 171 -10.55 -25.56 21.25
C LYS C 171 -10.84 -26.99 20.85
N VAL C 172 -11.65 -27.21 19.82
CA VAL C 172 -11.95 -28.59 19.36
C VAL C 172 -12.54 -28.60 17.96
#